data_2OO3
#
_entry.id   2OO3
#
_cell.length_a   45.822
_cell.length_b   72.959
_cell.length_c   78.379
_cell.angle_alpha   90.000
_cell.angle_beta   90.000
_cell.angle_gamma   90.000
#
_symmetry.space_group_name_H-M   'P 21 21 21'
#
loop_
_entity.id
_entity.type
_entity.pdbx_description
1 polymer 'Protein involved in catabolism of external DNA'
2 non-polymer 'SULFATE ION'
3 water water
#
_entity_poly.entity_id   1
_entity_poly.type   'polypeptide(L)'
_entity_poly.pdbx_seq_one_letter_code
;SLLSYQHGYHAGNFADVIKHITLTRLLAYLTHKDKPLFYLETHSGRGIYDLKDKQSLKTEEYKEGINPVWLDRENLPSLF
LEYISVIKQINLNSTLSYYPGSPYFAINQLRSQDRLYLCELHPTEYNFLLKLPHFNKKVYVNHTDGVSKLNALLPPPEKR
GLIFIDPSYERKEEYKEIPYAIKNAYSKFSTGLYCVWYPVVNKAWTEQFLRKMREISSKSVRIELHLNPLINEGMTGCGL
WIINPPYTFPSEIKLVLETLTTYFNPGSSSYMIESGSKLCHEL
;
_entity_poly.pdbx_strand_id   A
#
# COMPACT_ATOMS: atom_id res chain seq x y z
N HIS A 10 -10.97 1.48 -9.83
CA HIS A 10 -11.23 0.37 -8.84
C HIS A 10 -11.13 0.81 -7.38
N ALA A 11 -11.39 2.08 -7.07
CA ALA A 11 -11.12 2.60 -5.71
C ALA A 11 -11.89 1.87 -4.62
N GLY A 12 -11.17 1.46 -3.59
CA GLY A 12 -11.82 0.81 -2.47
C GLY A 12 -12.11 -0.67 -2.71
N ASN A 13 -11.55 -1.25 -3.80
CA ASN A 13 -11.68 -2.71 -4.01
C ASN A 13 -10.89 -3.51 -2.95
N PHE A 14 -10.97 -4.84 -2.98
CA PHE A 14 -10.34 -5.66 -1.95
C PHE A 14 -8.84 -5.40 -1.84
N ALA A 15 -8.20 -5.09 -2.97
CA ALA A 15 -6.76 -4.85 -2.99
C ALA A 15 -6.40 -3.55 -2.31
N ASP A 16 -7.19 -2.51 -2.55
CA ASP A 16 -7.05 -1.26 -1.78
C ASP A 16 -7.16 -1.51 -0.30
N VAL A 17 -8.12 -2.33 0.11
CA VAL A 17 -8.33 -2.54 1.53
C VAL A 17 -7.09 -3.13 2.18
N ILE A 18 -6.57 -4.24 1.62
CA ILE A 18 -5.40 -4.84 2.25
C ILE A 18 -4.14 -3.96 2.12
N LYS A 19 -3.97 -3.31 0.98
CA LYS A 19 -2.83 -2.42 0.80
C LYS A 19 -2.85 -1.23 1.79
N HIS A 20 -4.02 -0.64 1.97
CA HIS A 20 -4.11 0.55 2.82
C HIS A 20 -4.06 0.24 4.32
N ILE A 21 -4.62 -0.90 4.74
CA ILE A 21 -4.48 -1.29 6.13
C ILE A 21 -3.01 -1.57 6.40
N THR A 22 -2.36 -2.28 5.47
CA THR A 22 -0.90 -2.53 5.54
C THR A 22 -0.14 -1.22 5.72
N LEU A 23 -0.40 -0.26 4.84
CA LEU A 23 0.19 1.07 4.99
C LEU A 23 -0.04 1.66 6.40
N THR A 24 -1.28 1.62 6.89
CA THR A 24 -1.56 2.21 8.21
C THR A 24 -0.74 1.56 9.32
N ARG A 25 -0.49 0.26 9.22
CA ARG A 25 0.24 -0.48 10.28
C ARG A 25 1.71 -0.09 10.19
N LEU A 26 2.21 0.09 8.96
CA LEU A 26 3.60 0.49 8.77
C LEU A 26 3.83 1.90 9.31
N LEU A 27 2.89 2.80 9.04
CA LEU A 27 2.96 4.20 9.51
C LEU A 27 2.88 4.29 11.04
N ALA A 28 1.95 3.52 11.61
CA ALA A 28 1.80 3.42 13.06
C ALA A 28 3.07 2.94 13.73
N TYR A 29 3.81 2.02 13.10
CA TYR A 29 5.05 1.54 13.72
C TYR A 29 6.15 2.55 13.65
N LEU A 30 6.35 3.09 12.44
CA LEU A 30 7.51 3.95 12.20
C LEU A 30 7.45 5.26 12.94
N THR A 31 6.24 5.78 13.13
CA THR A 31 6.07 7.03 13.86
C THR A 31 6.32 6.84 15.38
N HIS A 32 6.65 5.63 15.83
CA HIS A 32 7.05 5.48 17.24
C HIS A 32 8.36 6.19 17.53
N LYS A 33 9.22 6.28 16.53
CA LYS A 33 10.50 6.95 16.68
C LYS A 33 10.34 8.42 16.43
N ASP A 34 10.79 9.22 17.40
CA ASP A 34 10.75 10.67 17.33
C ASP A 34 11.97 11.22 16.59
N LYS A 35 12.12 10.78 15.35
CA LYS A 35 13.09 11.32 14.41
C LYS A 35 12.33 11.38 13.09
N PRO A 36 12.60 12.40 12.24
CA PRO A 36 11.87 12.57 10.99
C PRO A 36 11.99 11.36 10.11
N LEU A 37 10.92 11.12 9.37
CA LEU A 37 10.79 10.05 8.42
C LEU A 37 10.59 10.67 7.06
N PHE A 38 11.31 10.14 6.07
CA PHE A 38 11.01 10.42 4.68
C PHE A 38 9.94 9.42 4.19
N TYR A 39 8.84 9.92 3.64
CA TYR A 39 7.81 9.05 3.11
C TYR A 39 7.75 9.30 1.61
N LEU A 40 8.04 8.26 0.83
CA LEU A 40 8.05 8.37 -0.64
C LEU A 40 7.00 7.46 -1.29
N GLU A 41 6.10 8.05 -2.09
CA GLU A 41 5.21 7.26 -2.94
C GLU A 41 5.59 7.40 -4.39
N THR A 42 5.75 6.27 -5.06
CA THR A 42 6.13 6.25 -6.48
C THR A 42 4.91 6.45 -7.40
N HIS A 43 3.72 6.04 -6.97
CA HIS A 43 2.52 6.12 -7.81
C HIS A 43 1.37 6.64 -6.94
N SER A 44 1.31 7.95 -6.71
CA SER A 44 0.36 8.52 -5.75
C SER A 44 -1.11 8.60 -6.19
N GLY A 45 -1.36 8.62 -7.49
CA GLY A 45 -2.71 8.78 -8.03
C GLY A 45 -3.31 10.15 -7.69
N ARG A 46 -4.63 10.25 -7.61
CA ARG A 46 -5.23 11.55 -7.38
C ARG A 46 -5.47 11.84 -5.90
N GLY A 47 -5.28 10.84 -5.04
CA GLY A 47 -5.27 11.09 -3.57
C GLY A 47 -6.60 10.87 -2.83
N ILE A 48 -7.72 11.21 -3.45
CA ILE A 48 -9.05 10.97 -2.91
C ILE A 48 -9.94 10.52 -4.08
N TYR A 49 -10.93 9.69 -3.78
CA TYR A 49 -11.76 9.05 -4.80
C TYR A 49 -13.22 9.24 -4.48
N ASP A 50 -13.93 9.87 -5.40
CA ASP A 50 -15.36 10.10 -5.32
C ASP A 50 -16.02 8.82 -5.80
N LEU A 51 -16.69 8.14 -4.89
CA LEU A 51 -17.36 6.90 -5.18
C LEU A 51 -18.73 7.09 -5.87
N LYS A 52 -19.17 8.34 -5.97
CA LYS A 52 -20.47 8.65 -6.55
C LYS A 52 -20.42 9.35 -7.89
N ASP A 53 -19.23 9.49 -8.48
CA ASP A 53 -19.18 10.15 -9.79
C ASP A 53 -19.65 9.17 -10.88
N LYS A 54 -19.74 9.64 -12.12
CA LYS A 54 -20.20 8.77 -13.21
C LYS A 54 -19.06 8.13 -14.00
N THR A 59 -17.80 0.87 -12.49
CA THR A 59 -18.20 -0.31 -11.75
C THR A 59 -17.96 -0.09 -10.25
N GLU A 60 -18.94 -0.42 -9.41
CA GLU A 60 -18.87 -0.11 -7.99
C GLU A 60 -18.08 -1.19 -7.24
N GLU A 61 -16.78 -1.30 -7.55
CA GLU A 61 -15.94 -2.36 -6.96
C GLU A 61 -15.80 -2.20 -5.44
N TYR A 62 -15.97 -0.97 -4.96
CA TYR A 62 -15.91 -0.74 -3.52
C TYR A 62 -16.94 -1.53 -2.72
N LYS A 63 -18.09 -1.83 -3.31
CA LYS A 63 -19.11 -2.67 -2.65
C LYS A 63 -18.62 -4.03 -2.15
N GLU A 64 -17.54 -4.51 -2.77
CA GLU A 64 -16.92 -5.79 -2.39
C GLU A 64 -15.58 -5.67 -1.73
N GLY A 65 -15.16 -4.44 -1.46
CA GLY A 65 -13.88 -4.24 -0.81
C GLY A 65 -14.18 -3.55 0.48
N ILE A 66 -14.00 -2.24 0.49
CA ILE A 66 -14.25 -1.45 1.67
C ILE A 66 -15.70 -1.56 2.21
N ASN A 67 -16.71 -1.65 1.36
CA ASN A 67 -18.07 -1.50 1.89
C ASN A 67 -18.45 -2.51 3.00
N PRO A 68 -18.21 -3.83 2.80
CA PRO A 68 -18.54 -4.78 3.90
C PRO A 68 -17.73 -4.53 5.19
N VAL A 69 -16.50 -4.06 5.01
CA VAL A 69 -15.61 -3.80 6.13
C VAL A 69 -16.13 -2.58 6.88
N TRP A 70 -16.46 -1.54 6.10
CA TRP A 70 -16.98 -0.30 6.64
C TRP A 70 -18.32 -0.48 7.35
N LEU A 71 -19.23 -1.19 6.70
CA LEU A 71 -20.54 -1.44 7.30
C LEU A 71 -20.42 -2.15 8.64
N ASP A 72 -19.46 -3.06 8.76
CA ASP A 72 -19.27 -3.83 9.99
C ASP A 72 -18.20 -3.27 10.91
N ARG A 73 -17.91 -1.97 10.79
CA ARG A 73 -16.72 -1.40 11.42
C ARG A 73 -16.69 -1.54 12.96
N GLU A 74 -17.88 -1.57 13.58
CA GLU A 74 -17.97 -1.64 15.04
C GLU A 74 -17.63 -3.04 15.55
N ASN A 75 -17.47 -3.97 14.64
CA ASN A 75 -17.08 -5.31 14.98
C ASN A 75 -15.64 -5.67 14.59
N LEU A 76 -14.85 -4.69 14.17
CA LEU A 76 -13.52 -5.00 13.67
C LEU A 76 -12.52 -5.05 14.83
N PRO A 77 -11.47 -5.89 14.70
CA PRO A 77 -10.38 -5.87 15.66
C PRO A 77 -9.70 -4.51 15.67
N SER A 78 -9.13 -4.13 16.81
CA SER A 78 -8.50 -2.82 16.99
C SER A 78 -7.38 -2.51 16.02
N LEU A 79 -6.77 -3.52 15.39
CA LEU A 79 -5.77 -3.29 14.32
C LEU A 79 -6.30 -2.45 13.13
N PHE A 80 -7.63 -2.39 13.00
CA PHE A 80 -8.33 -1.64 11.95
C PHE A 80 -8.62 -0.19 12.29
N LEU A 81 -8.34 0.20 13.54
CA LEU A 81 -8.72 1.54 14.01
C LEU A 81 -8.21 2.67 13.15
N GLU A 82 -6.92 2.67 12.83
CA GLU A 82 -6.33 3.84 12.14
C GLU A 82 -6.93 3.94 10.74
N TYR A 83 -7.08 2.78 10.11
CA TYR A 83 -7.66 2.71 8.77
C TYR A 83 -9.08 3.26 8.74
N ILE A 84 -9.93 2.71 9.60
CA ILE A 84 -11.30 3.18 9.72
C ILE A 84 -11.41 4.67 10.06
N SER A 85 -10.56 5.16 10.96
CA SER A 85 -10.70 6.56 11.41
C SER A 85 -10.48 7.50 10.22
N VAL A 86 -9.55 7.16 9.31
CA VAL A 86 -9.33 8.00 8.14
C VAL A 86 -10.56 8.00 7.18
N ILE A 87 -11.15 6.84 6.98
CA ILE A 87 -12.33 6.71 6.13
C ILE A 87 -13.51 7.49 6.77
N LYS A 88 -13.61 7.40 8.09
CA LYS A 88 -14.61 8.19 8.83
C LYS A 88 -14.39 9.68 8.58
N GLN A 89 -13.12 10.12 8.65
CA GLN A 89 -12.77 11.54 8.57
C GLN A 89 -13.13 12.14 7.24
N ILE A 90 -12.78 11.42 6.16
CA ILE A 90 -12.98 11.98 4.82
C ILE A 90 -14.49 12.09 4.44
N ASN A 91 -15.31 11.23 5.04
CA ASN A 91 -16.71 11.15 4.70
C ASN A 91 -17.58 12.01 5.62
N LEU A 92 -18.58 12.70 5.07
CA LEU A 92 -19.36 13.65 5.89
C LEU A 92 -20.22 12.96 6.93
N ASN A 93 -20.75 11.81 6.56
CA ASN A 93 -21.53 11.00 7.50
C ASN A 93 -21.18 9.51 7.37
N SER A 94 -22.15 8.64 7.67
CA SER A 94 -21.90 7.19 7.76
C SER A 94 -22.07 6.50 6.42
N THR A 95 -22.54 7.24 5.43
CA THR A 95 -22.63 6.72 4.06
C THR A 95 -21.32 6.98 3.31
N LEU A 96 -20.80 5.94 2.69
CA LEU A 96 -19.53 6.03 2.00
C LEU A 96 -19.66 6.80 0.70
N SER A 97 -19.09 8.00 0.66
CA SER A 97 -19.15 8.84 -0.53
C SER A 97 -17.77 8.95 -1.15
N TYR A 98 -16.75 8.96 -0.29
CA TYR A 98 -15.35 9.11 -0.68
C TYR A 98 -14.51 7.98 -0.11
N TYR A 99 -13.55 7.53 -0.91
CA TYR A 99 -12.50 6.66 -0.40
C TYR A 99 -11.13 7.37 -0.50
N PRO A 100 -10.32 7.36 0.59
CA PRO A 100 -9.02 8.02 0.52
C PRO A 100 -7.97 7.21 -0.25
N GLY A 101 -7.07 7.90 -0.92
CA GLY A 101 -5.94 7.22 -1.54
C GLY A 101 -4.85 7.15 -0.50
N SER A 102 -3.77 6.40 -0.80
CA SER A 102 -2.66 6.26 0.12
C SER A 102 -2.08 7.60 0.63
N PRO A 103 -1.98 8.63 -0.24
CA PRO A 103 -1.47 9.90 0.32
C PRO A 103 -2.34 10.49 1.45
N TYR A 104 -3.67 10.33 1.35
CA TYR A 104 -4.60 10.79 2.38
C TYR A 104 -4.41 10.02 3.69
N PHE A 105 -4.17 8.71 3.62
CA PHE A 105 -3.77 7.99 4.84
C PHE A 105 -2.45 8.52 5.44
N ALA A 106 -1.44 8.70 4.59
CA ALA A 106 -0.12 9.11 5.08
C ALA A 106 -0.13 10.49 5.77
N ILE A 107 -0.84 11.42 5.16
CA ILE A 107 -0.95 12.76 5.71
C ILE A 107 -1.64 12.71 7.06
N ASN A 108 -2.56 11.77 7.24
CA ASN A 108 -3.22 11.64 8.54
C ASN A 108 -2.33 11.08 9.64
N GLN A 109 -1.53 10.08 9.35
CA GLN A 109 -0.72 9.45 10.38
C GLN A 109 0.70 10.01 10.61
N LEU A 110 1.24 10.68 9.61
CA LEU A 110 2.59 11.24 9.72
C LEU A 110 2.59 12.51 10.55
N ARG A 111 3.79 13.03 10.85
CA ARG A 111 3.94 14.16 11.77
C ARG A 111 4.49 15.39 11.05
N SER A 112 4.38 16.55 11.70
CA SER A 112 4.90 17.78 11.13
C SER A 112 6.38 17.68 10.82
N GLN A 113 7.13 16.86 11.57
CA GLN A 113 8.59 16.76 11.32
C GLN A 113 8.95 15.89 10.10
N ASP A 114 7.99 15.15 9.57
CA ASP A 114 8.30 14.15 8.54
C ASP A 114 8.30 14.84 7.20
N ARG A 115 8.68 14.13 6.15
CA ARG A 115 8.64 14.74 4.82
C ARG A 115 8.02 13.77 3.86
N LEU A 116 6.93 14.21 3.21
CA LEU A 116 6.21 13.36 2.25
C LEU A 116 6.57 13.81 0.84
N TYR A 117 6.88 12.84 0.01
CA TYR A 117 7.19 13.12 -1.35
C TYR A 117 6.30 12.23 -2.22
N LEU A 118 5.40 12.85 -2.97
CA LEU A 118 4.39 12.12 -3.71
C LEU A 118 4.60 12.30 -5.20
N CYS A 119 4.64 11.20 -5.94
CA CYS A 119 4.91 11.26 -7.40
C CYS A 119 3.71 10.78 -8.15
N GLU A 120 3.34 11.49 -9.21
CA GLU A 120 2.29 11.02 -10.08
C GLU A 120 2.58 11.41 -11.54
N LEU A 121 2.52 10.43 -12.42
CA LEU A 121 2.84 10.64 -13.83
C LEU A 121 1.68 11.24 -14.66
N HIS A 122 0.44 10.83 -14.39
CA HIS A 122 -0.69 11.33 -15.20
C HIS A 122 -1.08 12.77 -14.84
N PRO A 123 -1.16 13.66 -15.86
CA PRO A 123 -1.44 15.07 -15.60
C PRO A 123 -2.78 15.38 -14.94
N THR A 124 -3.84 14.67 -15.31
CA THR A 124 -5.13 14.88 -14.64
C THR A 124 -5.07 14.44 -13.18
N GLU A 125 -4.51 13.25 -12.95
CA GLU A 125 -4.37 12.71 -11.61
C GLU A 125 -3.49 13.63 -10.74
N TYR A 126 -2.35 14.02 -11.31
CA TYR A 126 -1.46 14.95 -10.63
C TYR A 126 -2.17 16.25 -10.25
N ASN A 127 -2.97 16.80 -11.17
CA ASN A 127 -3.67 18.05 -10.88
C ASN A 127 -4.66 17.90 -9.74
N PHE A 128 -5.28 16.72 -9.59
CA PHE A 128 -6.17 16.46 -8.46
C PHE A 128 -5.40 16.30 -7.17
N LEU A 129 -4.24 15.66 -7.26
CA LEU A 129 -3.37 15.46 -6.09
C LEU A 129 -2.87 16.79 -5.48
N LEU A 130 -2.74 17.82 -6.33
CA LEU A 130 -2.39 19.16 -5.85
C LEU A 130 -3.43 19.76 -4.92
N LYS A 131 -4.64 19.18 -4.90
CA LYS A 131 -5.73 19.67 -4.07
C LYS A 131 -5.87 18.98 -2.69
N LEU A 132 -5.07 17.96 -2.42
CA LEU A 132 -5.11 17.29 -1.10
C LEU A 132 -4.75 18.23 0.03
N PRO A 133 -5.52 18.17 1.16
CA PRO A 133 -5.12 18.98 2.32
C PRO A 133 -3.76 18.50 2.86
N HIS A 134 -2.96 19.42 3.39
CA HIS A 134 -1.67 19.06 3.99
C HIS A 134 -1.76 19.10 5.50
N PHE A 135 -2.83 19.68 6.04
CA PHE A 135 -2.89 19.96 7.49
C PHE A 135 -1.59 20.68 7.90
N ASN A 136 -0.92 20.23 8.96
CA ASN A 136 0.38 20.78 9.31
C ASN A 136 1.56 19.91 8.83
N LYS A 137 1.34 19.07 7.81
CA LYS A 137 2.44 18.22 7.31
C LYS A 137 3.15 18.89 6.16
N LYS A 138 4.27 18.30 5.81
CA LYS A 138 5.19 18.85 4.85
C LYS A 138 5.07 17.94 3.60
N VAL A 139 4.35 18.41 2.59
CA VAL A 139 3.95 17.56 1.48
C VAL A 139 4.46 18.10 0.14
N TYR A 140 5.35 17.35 -0.51
CA TYR A 140 5.86 17.73 -1.84
C TYR A 140 5.25 16.88 -2.92
N VAL A 141 4.46 17.50 -3.78
CA VAL A 141 3.79 16.76 -4.87
C VAL A 141 4.53 16.99 -6.17
N ASN A 142 4.92 15.90 -6.85
CA ASN A 142 5.75 15.96 -8.06
C ASN A 142 5.18 15.23 -9.28
N HIS A 143 5.12 15.93 -10.40
CA HIS A 143 4.63 15.36 -11.65
C HIS A 143 5.82 14.71 -12.35
N THR A 144 6.00 13.41 -12.11
CA THR A 144 7.21 12.74 -12.48
C THR A 144 7.03 11.23 -12.44
N ASP A 145 7.87 10.53 -13.19
CA ASP A 145 7.94 9.09 -13.08
C ASP A 145 8.51 8.72 -11.71
N GLY A 146 7.63 8.32 -10.79
CA GLY A 146 8.09 7.96 -9.43
C GLY A 146 9.15 6.86 -9.35
N VAL A 147 9.04 5.86 -10.22
CA VAL A 147 9.97 4.73 -10.23
C VAL A 147 11.41 5.20 -10.56
N SER A 148 11.51 6.14 -11.51
CA SER A 148 12.78 6.77 -11.85
C SER A 148 13.31 7.62 -10.71
N LYS A 149 12.42 8.19 -9.88
CA LYS A 149 12.83 9.01 -8.74
C LYS A 149 13.49 8.27 -7.58
N LEU A 150 13.22 6.98 -7.45
CA LEU A 150 13.87 6.18 -6.42
C LEU A 150 15.39 6.43 -6.39
N ASN A 151 16.02 6.42 -7.56
CA ASN A 151 17.45 6.58 -7.69
C ASN A 151 17.95 7.93 -7.16
N ALA A 152 17.19 9.00 -7.39
CA ALA A 152 17.62 10.37 -7.07
C ALA A 152 17.44 10.76 -5.60
N LEU A 153 16.46 10.13 -4.94
CA LEU A 153 15.97 10.60 -3.63
C LEU A 153 16.46 9.77 -2.46
N LEU A 154 17.17 8.67 -2.74
CA LEU A 154 17.62 7.77 -1.67
C LEU A 154 19.15 7.63 -1.72
N PRO A 155 19.83 7.54 -0.55
CA PRO A 155 19.28 7.65 0.81
C PRO A 155 18.87 9.07 1.13
N PRO A 156 17.79 9.26 1.90
CA PRO A 156 17.31 10.59 2.20
C PRO A 156 18.11 11.19 3.34
N PRO A 157 18.17 12.54 3.44
CA PRO A 157 18.87 13.19 4.56
C PRO A 157 18.34 12.76 5.92
N GLU A 158 17.04 12.45 6.02
CA GLU A 158 16.44 11.93 7.26
C GLU A 158 17.06 10.60 7.71
N LYS A 159 17.62 9.87 6.76
CA LYS A 159 18.21 8.55 7.00
C LYS A 159 17.23 7.47 7.46
N ARG A 160 15.94 7.78 7.39
CA ARG A 160 14.86 6.90 7.80
C ARG A 160 13.83 7.09 6.70
N GLY A 161 13.34 5.99 6.13
CA GLY A 161 12.40 6.11 5.02
C GLY A 161 11.39 4.98 4.94
N LEU A 162 10.16 5.34 4.58
CA LEU A 162 9.15 4.39 4.11
C LEU A 162 8.87 4.65 2.62
N ILE A 163 9.12 3.64 1.78
CA ILE A 163 8.96 3.78 0.35
C ILE A 163 7.77 2.88 -0.02
N PHE A 164 6.69 3.49 -0.44
CA PHE A 164 5.43 2.78 -0.69
C PHE A 164 5.18 2.82 -2.16
N ILE A 165 5.23 1.62 -2.77
CA ILE A 165 5.20 1.47 -4.23
C ILE A 165 3.95 0.75 -4.69
N ASP A 166 3.07 1.48 -5.39
CA ASP A 166 1.78 0.93 -5.80
C ASP A 166 1.59 0.99 -7.33
N PRO A 167 2.32 0.15 -8.09
CA PRO A 167 2.21 0.23 -9.56
C PRO A 167 0.88 -0.28 -10.07
N SER A 168 0.47 0.17 -11.26
CA SER A 168 -0.71 -0.39 -11.93
C SER A 168 -0.48 -1.73 -12.64
N TYR A 169 0.78 -2.03 -13.04
CA TYR A 169 1.10 -3.19 -13.87
C TYR A 169 0.23 -3.27 -15.15
N GLU A 170 -0.17 -2.12 -15.70
CA GLU A 170 -0.82 -2.10 -17.01
C GLU A 170 0.15 -2.56 -18.14
N ARG A 171 1.46 -2.38 -17.96
CA ARG A 171 2.45 -3.00 -18.87
C ARG A 171 3.09 -4.22 -18.20
N LYS A 172 3.20 -5.30 -18.96
CA LYS A 172 3.84 -6.52 -18.52
C LYS A 172 5.25 -6.20 -18.03
N GLU A 173 5.91 -5.25 -18.70
CA GLU A 173 7.30 -4.96 -18.36
C GLU A 173 7.46 -4.39 -16.94
N GLU A 174 6.38 -3.85 -16.37
CA GLU A 174 6.41 -3.35 -14.97
C GLU A 174 6.83 -4.43 -13.97
N TYR A 175 6.54 -5.69 -14.30
CA TYR A 175 6.85 -6.80 -13.39
C TYR A 175 8.37 -7.05 -13.30
N LYS A 176 9.12 -6.56 -14.28
CA LYS A 176 10.59 -6.56 -14.17
C LYS A 176 11.20 -5.19 -13.88
N GLU A 177 10.56 -4.11 -14.36
CA GLU A 177 11.05 -2.76 -14.04
C GLU A 177 11.06 -2.50 -12.53
N ILE A 178 9.99 -2.91 -11.86
CA ILE A 178 9.79 -2.58 -10.46
C ILE A 178 10.83 -3.23 -9.56
N PRO A 179 11.02 -4.56 -9.63
CA PRO A 179 12.07 -5.10 -8.76
C PRO A 179 13.47 -4.59 -9.11
N TYR A 180 13.71 -4.28 -10.39
CA TYR A 180 14.98 -3.69 -10.82
C TYR A 180 15.21 -2.35 -10.09
N ALA A 181 14.20 -1.48 -10.12
CA ALA A 181 14.29 -0.19 -9.44
C ALA A 181 14.45 -0.34 -7.91
N ILE A 182 13.68 -1.24 -7.29
CA ILE A 182 13.85 -1.48 -5.84
C ILE A 182 15.24 -2.04 -5.52
N LYS A 183 15.74 -2.97 -6.34
CA LYS A 183 17.07 -3.49 -6.09
C LYS A 183 18.09 -2.35 -6.08
N ASN A 184 17.96 -1.41 -7.02
CA ASN A 184 18.93 -0.30 -7.12
C ASN A 184 18.83 0.61 -5.91
N ALA A 185 17.59 0.93 -5.54
CA ALA A 185 17.27 1.77 -4.39
C ALA A 185 17.84 1.13 -3.13
N TYR A 186 17.57 -0.16 -2.94
CA TYR A 186 18.03 -0.89 -1.77
C TYR A 186 19.56 -0.86 -1.66
N SER A 187 20.27 -0.95 -2.80
CA SER A 187 21.75 -0.93 -2.76
C SER A 187 22.29 0.37 -2.14
N LYS A 188 21.56 1.48 -2.32
CA LYS A 188 21.94 2.82 -1.84
C LYS A 188 21.37 3.12 -0.44
N PHE A 189 20.29 2.43 -0.08
CA PHE A 189 19.62 2.72 1.19
C PHE A 189 19.05 1.41 1.72
N SER A 190 19.90 0.58 2.29
CA SER A 190 19.57 -0.81 2.59
C SER A 190 18.74 -0.95 3.90
N THR A 191 18.61 0.14 4.65
CA THR A 191 17.86 0.16 5.90
C THR A 191 16.47 0.77 5.75
N GLY A 192 16.13 1.22 4.53
CA GLY A 192 14.79 1.75 4.26
C GLY A 192 13.73 0.65 4.35
N LEU A 193 12.51 1.06 4.65
CA LEU A 193 11.37 0.12 4.69
C LEU A 193 10.71 0.23 3.33
N TYR A 194 10.82 -0.81 2.52
CA TYR A 194 10.22 -0.85 1.18
C TYR A 194 8.94 -1.71 1.19
N CYS A 195 7.85 -1.17 0.65
CA CYS A 195 6.60 -1.89 0.58
C CYS A 195 6.06 -1.80 -0.84
N VAL A 196 6.01 -2.91 -1.54
CA VAL A 196 5.49 -2.89 -2.93
C VAL A 196 4.26 -3.81 -3.02
N TRP A 197 3.18 -3.26 -3.57
CA TRP A 197 1.95 -3.98 -3.85
C TRP A 197 2.11 -4.66 -5.23
N TYR A 198 1.52 -5.86 -5.37
CA TYR A 198 1.48 -6.54 -6.67
C TYR A 198 0.18 -7.33 -6.82
N PRO A 199 -0.33 -7.48 -8.06
CA PRO A 199 -1.51 -8.28 -8.30
C PRO A 199 -1.18 -9.73 -8.60
N VAL A 200 -2.21 -10.57 -8.51
CA VAL A 200 -2.20 -11.91 -9.07
C VAL A 200 -3.24 -11.96 -10.20
N VAL A 201 -2.75 -11.76 -11.41
CA VAL A 201 -3.56 -11.78 -12.62
CA VAL A 201 -3.58 -11.80 -12.59
C VAL A 201 -3.06 -12.92 -13.52
N ASN A 202 -1.75 -13.03 -13.63
CA ASN A 202 -1.14 -14.15 -14.36
C ASN A 202 -0.07 -14.70 -13.44
N LYS A 203 -0.33 -15.89 -12.88
CA LYS A 203 0.58 -16.47 -11.89
C LYS A 203 2.05 -16.48 -12.34
N ALA A 204 2.29 -16.75 -13.61
CA ALA A 204 3.64 -16.86 -14.10
C ALA A 204 4.38 -15.52 -14.00
N TRP A 205 3.69 -14.45 -14.36
CA TRP A 205 4.28 -13.13 -14.29
C TRP A 205 4.55 -12.76 -12.84
N THR A 206 3.58 -12.99 -11.97
CA THR A 206 3.76 -12.75 -10.54
C THR A 206 4.94 -13.55 -9.94
N GLU A 207 5.08 -14.82 -10.32
CA GLU A 207 6.17 -15.65 -9.81
C GLU A 207 7.54 -15.13 -10.29
N GLN A 208 7.60 -14.58 -11.51
CA GLN A 208 8.86 -14.00 -12.01
C GLN A 208 9.23 -12.72 -11.27
N PHE A 209 8.21 -11.92 -11.00
CA PHE A 209 8.34 -10.71 -10.16
C PHE A 209 8.86 -11.12 -8.78
N LEU A 210 8.19 -12.10 -8.15
CA LEU A 210 8.57 -12.52 -6.81
C LEU A 210 10.02 -13.10 -6.72
N ARG A 211 10.50 -13.77 -7.78
CA ARG A 211 11.86 -14.31 -7.77
C ARG A 211 12.88 -13.16 -7.74
N LYS A 212 12.61 -12.11 -8.51
CA LYS A 212 13.45 -10.91 -8.47
C LYS A 212 13.38 -10.20 -7.12
N MET A 213 12.19 -10.07 -6.53
CA MET A 213 12.07 -9.46 -5.20
C MET A 213 12.86 -10.25 -4.16
N ARG A 214 12.80 -11.58 -4.27
CA ARG A 214 13.47 -12.45 -3.29
C ARG A 214 14.98 -12.26 -3.31
N GLU A 215 15.55 -11.98 -4.47
CA GLU A 215 17.00 -11.76 -4.58
C GLU A 215 17.56 -10.52 -3.87
N ILE A 216 16.70 -9.53 -3.61
CA ILE A 216 17.15 -8.23 -3.08
C ILE A 216 17.60 -8.34 -1.63
N SER A 217 16.81 -9.03 -0.82
CA SER A 217 17.04 -9.12 0.60
C SER A 217 16.24 -10.26 1.19
N SER A 218 16.84 -10.91 2.18
CA SER A 218 16.20 -11.96 2.94
CA SER A 218 16.17 -11.96 2.91
C SER A 218 15.50 -11.43 4.17
N LYS A 219 15.63 -10.14 4.45
CA LYS A 219 14.89 -9.59 5.60
C LYS A 219 13.57 -9.08 5.02
N SER A 220 12.66 -10.01 4.75
CA SER A 220 11.50 -9.70 3.92
C SER A 220 10.28 -10.45 4.43
N VAL A 221 9.10 -9.92 4.13
CA VAL A 221 7.87 -10.68 4.34
C VAL A 221 7.00 -10.49 3.11
N ARG A 222 6.35 -11.57 2.70
CA ARG A 222 5.41 -11.53 1.60
C ARG A 222 4.06 -11.85 2.18
N ILE A 223 3.04 -11.03 1.90
CA ILE A 223 1.68 -11.32 2.32
C ILE A 223 0.78 -11.36 1.08
N GLU A 224 -0.19 -12.28 1.05
CA GLU A 224 -1.09 -12.35 -0.08
C GLU A 224 -2.48 -12.66 0.41
N LEU A 225 -3.47 -12.22 -0.37
CA LEU A 225 -4.88 -12.41 -0.08
C LEU A 225 -5.48 -12.91 -1.38
N HIS A 226 -6.16 -14.04 -1.34
CA HIS A 226 -6.66 -14.67 -2.54
C HIS A 226 -8.17 -14.86 -2.39
N LEU A 227 -8.91 -14.34 -3.38
CA LEU A 227 -10.35 -14.47 -3.35
C LEU A 227 -10.85 -15.88 -3.70
N ASN A 228 -10.05 -16.61 -4.47
CA ASN A 228 -10.37 -17.97 -4.96
C ASN A 228 -11.74 -18.10 -5.61
N PRO A 229 -12.00 -17.25 -6.63
CA PRO A 229 -13.28 -17.34 -7.34
C PRO A 229 -13.18 -18.61 -8.19
N LEU A 230 -14.28 -19.11 -8.75
CA LEU A 230 -14.13 -20.37 -9.48
C LEU A 230 -13.66 -20.17 -10.91
N ILE A 231 -13.69 -18.92 -11.38
CA ILE A 231 -13.14 -18.54 -12.69
C ILE A 231 -11.89 -17.68 -12.45
N ASN A 232 -10.76 -18.08 -13.04
CA ASN A 232 -9.53 -17.28 -12.90
C ASN A 232 -9.46 -16.20 -13.98
N GLU A 233 -10.29 -15.16 -13.81
CA GLU A 233 -10.37 -14.07 -14.76
C GLU A 233 -10.15 -12.76 -14.01
N GLY A 234 -9.28 -11.92 -14.55
CA GLY A 234 -8.90 -10.64 -13.93
C GLY A 234 -8.06 -10.89 -12.69
N MET A 235 -8.09 -9.95 -11.75
CA MET A 235 -7.25 -10.05 -10.56
C MET A 235 -7.91 -10.94 -9.53
N THR A 236 -7.37 -12.13 -9.30
CA THR A 236 -8.04 -13.05 -8.38
C THR A 236 -7.48 -12.95 -6.96
N GLY A 237 -6.41 -12.16 -6.84
CA GLY A 237 -5.77 -12.00 -5.53
C GLY A 237 -4.73 -10.94 -5.67
N CYS A 238 -4.04 -10.63 -4.57
CA CYS A 238 -2.96 -9.65 -4.65
C CYS A 238 -2.05 -9.84 -3.45
N GLY A 239 -0.94 -9.12 -3.42
CA GLY A 239 -0.03 -9.26 -2.29
C GLY A 239 0.79 -8.03 -2.05
N LEU A 240 1.54 -8.05 -0.94
CA LEU A 240 2.60 -7.03 -0.73
C LEU A 240 3.90 -7.69 -0.29
N TRP A 241 5.00 -7.13 -0.78
CA TRP A 241 6.33 -7.58 -0.45
C TRP A 241 6.98 -6.47 0.35
N ILE A 242 7.43 -6.77 1.57
CA ILE A 242 7.99 -5.74 2.45
C ILE A 242 9.41 -6.12 2.80
N ILE A 243 10.33 -5.20 2.54
CA ILE A 243 11.72 -5.33 2.96
C ILE A 243 11.92 -4.50 4.23
N ASN A 244 12.57 -5.12 5.21
CA ASN A 244 12.76 -4.55 6.55
C ASN A 244 11.44 -4.34 7.27
N PRO A 245 10.59 -5.39 7.31
CA PRO A 245 9.34 -5.13 7.99
C PRO A 245 9.53 -4.94 9.49
N PRO A 246 8.62 -4.18 10.13
CA PRO A 246 8.72 -3.88 11.55
C PRO A 246 8.53 -5.10 12.40
N TYR A 247 9.23 -5.03 13.53
CA TYR A 247 8.90 -5.73 14.74
C TYR A 247 7.39 -5.84 15.00
N THR A 248 6.94 -7.08 15.01
CA THR A 248 5.57 -7.46 15.34
C THR A 248 4.61 -7.40 14.14
N PHE A 249 5.08 -6.91 13.00
CA PHE A 249 4.20 -6.77 11.83
C PHE A 249 3.67 -8.11 11.29
N PRO A 250 4.55 -9.13 11.13
CA PRO A 250 4.04 -10.45 10.72
C PRO A 250 2.84 -10.96 11.52
N SER A 251 2.86 -10.88 12.85
CA SER A 251 1.71 -11.35 13.60
C SER A 251 0.51 -10.40 13.54
N GLU A 252 0.72 -9.08 13.52
CA GLU A 252 -0.41 -8.18 13.32
C GLU A 252 -1.09 -8.47 11.99
N ILE A 253 -0.29 -8.58 10.92
CA ILE A 253 -0.88 -8.67 9.59
C ILE A 253 -1.64 -9.99 9.37
N LYS A 254 -1.25 -11.03 10.09
CA LYS A 254 -1.98 -12.30 10.14
C LYS A 254 -3.41 -12.12 10.67
N LEU A 255 -3.55 -11.38 11.77
CA LEU A 255 -4.87 -11.05 12.31
C LEU A 255 -5.68 -10.27 11.28
N VAL A 256 -5.04 -9.31 10.62
CA VAL A 256 -5.76 -8.52 9.63
C VAL A 256 -6.28 -9.44 8.51
N LEU A 257 -5.36 -10.22 7.93
CA LEU A 257 -5.71 -11.10 6.81
C LEU A 257 -6.78 -12.13 7.17
N GLU A 258 -6.68 -12.73 8.37
CA GLU A 258 -7.74 -13.64 8.83
C GLU A 258 -9.08 -12.93 8.86
N THR A 259 -9.11 -11.73 9.44
CA THR A 259 -10.35 -10.93 9.46
C THR A 259 -10.91 -10.67 8.05
N LEU A 260 -10.05 -10.23 7.14
CA LEU A 260 -10.50 -9.93 5.77
C LEU A 260 -11.12 -11.15 5.02
N THR A 261 -10.57 -12.34 5.25
CA THR A 261 -11.11 -13.53 4.59
C THR A 261 -12.50 -13.84 5.12
N THR A 262 -12.90 -13.27 6.26
CA THR A 262 -14.29 -13.43 6.71
C THR A 262 -15.26 -12.49 5.97
N TYR A 263 -14.73 -11.43 5.33
CA TYR A 263 -15.54 -10.50 4.54
C TYR A 263 -15.48 -10.78 3.04
N PHE A 264 -14.34 -11.22 2.54
CA PHE A 264 -14.19 -11.40 1.09
C PHE A 264 -14.35 -12.88 0.73
N ASN A 265 -15.40 -13.21 -0.04
CA ASN A 265 -15.70 -14.63 -0.40
C ASN A 265 -15.57 -15.59 0.79
N PRO A 266 -16.29 -15.34 1.90
CA PRO A 266 -15.95 -16.16 3.05
C PRO A 266 -16.22 -17.63 2.79
N GLY A 267 -15.42 -18.47 3.40
CA GLY A 267 -15.50 -19.90 3.16
C GLY A 267 -14.60 -20.33 2.03
N SER A 268 -14.26 -19.41 1.12
CA SER A 268 -13.38 -19.79 0.00
C SER A 268 -12.07 -19.01 -0.10
N SER A 269 -12.08 -17.78 0.40
CA SER A 269 -10.89 -16.92 0.30
C SER A 269 -9.82 -17.44 1.23
N SER A 270 -8.56 -17.09 0.95
CA SER A 270 -7.42 -17.58 1.75
C SER A 270 -6.35 -16.48 1.76
N TYR A 271 -5.35 -16.66 2.59
CA TYR A 271 -4.23 -15.72 2.68
C TYR A 271 -2.99 -16.57 2.95
N MET A 272 -1.83 -15.95 2.74
CA MET A 272 -0.58 -16.53 3.16
C MET A 272 0.39 -15.43 3.59
N ILE A 273 1.37 -15.82 4.37
CA ILE A 273 2.39 -14.94 4.89
C ILE A 273 3.65 -15.81 4.82
N GLU A 274 4.70 -15.28 4.21
CA GLU A 274 5.95 -15.99 4.10
C GLU A 274 7.08 -15.03 4.37
N SER A 275 7.95 -15.38 5.31
CA SER A 275 9.04 -14.49 5.59
C SER A 275 10.35 -15.05 5.04
N GLY A 276 11.26 -14.13 4.75
CA GLY A 276 12.56 -14.50 4.22
C GLY A 276 13.41 -15.27 5.21
N SER A 277 14.59 -15.70 4.75
CA SER A 277 15.42 -16.56 5.57
C SER A 277 15.98 -15.87 6.80
N LYS A 278 15.90 -14.53 6.81
CA LYS A 278 16.47 -13.74 7.88
C LYS A 278 15.39 -12.94 8.62
N LEU A 279 14.16 -13.47 8.61
CA LEU A 279 13.04 -12.73 9.21
C LEU A 279 12.12 -13.60 10.06
N CYS A 280 11.85 -13.08 11.25
CA CYS A 280 10.91 -13.60 12.23
C CYS A 280 10.70 -12.54 13.34
#